data_8W4M
#
_entry.id   8W4M
#
_cell.length_a   50.088
_cell.length_b   147.668
_cell.length_c   75.198
_cell.angle_alpha   90.000
_cell.angle_beta   90.000
_cell.angle_gamma   90.000
#
_symmetry.space_group_name_H-M   'C 2 2 21'
#
loop_
_entity.id
_entity.type
_entity.pdbx_description
1 polymer 'Immunoglobulin gamma-1 heavy chain'
2 branched beta-D-galactopyranose-(1-4)-2-acetamido-2-deoxy-beta-D-glucopyranose-(1-2)-alpha-D-mannopyranose-(1-6)-[2-acetamido-2-deoxy-beta-D-glucopyranose-(1-2)-alpha-D-mannopyranose-(1-3)]beta-D-mannopyranose-(1-4)-2-acetamido-2-deoxy-beta-D-glucopyranose-(1-4)-[alpha-L-fucopyranose-(1-6)]2-acetamido-2-deoxy-beta-D-glucopyranose
3 non-polymer 'ZINC ION'
4 water water
#
_entity_poly.entity_id   1
_entity_poly.type   'polypeptide(L)'
_entity_poly.pdbx_seq_one_letter_code
;TCPPCPAPELLGGPSVFLFPPKPKDTLMISRTPEVTCVVVDVSHEDPEVKFNWYVDGVEVHNAKTKPREEQYNSTYRVVS
VLTVLHQDWLNGKEYKCKVSNKALPAPIEKTISKAKGQPREPQVYTLPPSREEMTKNQVSLTCLVKGFYPSDIAVEWESN
GQPENNYKTTPPVLDSDGSFFLYSKLTVDKSRWQQGNVFSCSVMHEALHNHYTQKSLSLSPGK
;
_entity_poly.pdbx_strand_id   A
#
loop_
_chem_comp.id
_chem_comp.type
_chem_comp.name
_chem_comp.formula
BMA D-saccharide, beta linking beta-D-mannopyranose 'C6 H12 O6'
FUC L-saccharide, alpha linking alpha-L-fucopyranose 'C6 H12 O5'
GAL D-saccharide, beta linking beta-D-galactopyranose 'C6 H12 O6'
MAN D-saccharide, alpha linking alpha-D-mannopyranose 'C6 H12 O6'
NAG D-saccharide, beta linking 2-acetamido-2-deoxy-beta-D-glucopyranose 'C8 H15 N O6'
ZN non-polymer 'ZINC ION' 'Zn 2'
#
# COMPACT_ATOMS: atom_id res chain seq x y z
N GLY A 12 4.86 -31.41 -11.21
CA GLY A 12 3.45 -31.54 -10.88
C GLY A 12 2.52 -30.62 -11.68
N GLY A 13 2.77 -29.31 -11.58
CA GLY A 13 1.96 -28.33 -12.28
C GLY A 13 2.27 -26.91 -11.84
N PRO A 14 2.04 -25.94 -12.72
CA PRO A 14 2.39 -24.55 -12.42
C PRO A 14 1.58 -23.95 -11.27
N SER A 15 2.06 -22.78 -10.80
CA SER A 15 1.54 -22.07 -9.62
C SER A 15 1.31 -20.59 -9.93
N VAL A 16 0.20 -20.05 -9.43
CA VAL A 16 -0.22 -18.67 -9.72
C VAL A 16 -0.13 -17.80 -8.48
N PHE A 17 0.38 -16.58 -8.67
CA PHE A 17 0.43 -15.56 -7.62
C PHE A 17 -0.22 -14.29 -8.11
N LEU A 18 -1.03 -13.69 -7.25
CA LEU A 18 -1.86 -12.55 -7.59
C LEU A 18 -1.61 -11.46 -6.54
N PHE A 19 -1.08 -10.32 -6.97
CA PHE A 19 -0.58 -9.27 -6.09
C PHE A 19 -1.41 -7.99 -6.20
N PRO A 20 -1.60 -7.28 -5.08
CA PRO A 20 -2.47 -6.11 -5.09
C PRO A 20 -1.74 -4.89 -5.62
N PRO A 21 -2.41 -3.76 -5.81
CA PRO A 21 -1.69 -2.52 -6.11
C PRO A 21 -0.84 -2.10 -4.93
N LYS A 22 0.04 -1.16 -5.18
CA LYS A 22 0.72 -0.51 -4.08
C LYS A 22 -0.25 0.41 -3.36
N PRO A 23 -0.19 0.40 -2.04
CA PRO A 23 -1.18 1.18 -1.26
C PRO A 23 -1.29 2.64 -1.69
N LYS A 24 -0.18 3.41 -1.80
CA LYS A 24 -0.29 4.81 -2.27
C LYS A 24 -0.97 4.92 -3.61
N ASP A 25 -0.75 3.96 -4.50
CA ASP A 25 -1.40 4.02 -5.79
C ASP A 25 -2.92 3.89 -5.69
N THR A 26 -3.44 3.35 -4.59
CA THR A 26 -4.89 3.29 -4.47
C THR A 26 -5.48 4.54 -3.85
N LEU A 27 -4.66 5.36 -3.20
CA LEU A 27 -5.16 6.47 -2.41
C LEU A 27 -5.05 7.82 -3.13
N MET A 28 -4.28 7.89 -4.20
CA MET A 28 -4.16 9.12 -4.98
C MET A 28 -4.80 8.92 -6.33
N ILE A 29 -5.88 9.68 -6.58
CA ILE A 29 -6.56 9.58 -7.86
C ILE A 29 -5.62 9.85 -9.04
N SER A 30 -4.52 10.57 -8.81
CA SER A 30 -3.62 10.84 -9.92
C SER A 30 -2.82 9.61 -10.36
N ARG A 31 -2.77 8.56 -9.56
CA ARG A 31 -1.95 7.39 -9.83
C ARG A 31 -2.79 6.27 -10.41
N THR A 32 -2.10 5.26 -10.93
CA THR A 32 -2.72 4.18 -11.70
C THR A 32 -2.53 2.90 -10.94
N PRO A 33 -3.47 2.47 -10.11
CA PRO A 33 -3.30 1.19 -9.43
C PRO A 33 -3.47 0.02 -10.40
N GLU A 34 -2.70 -1.02 -10.16
CA GLU A 34 -2.81 -2.17 -11.01
C GLU A 34 -2.59 -3.45 -10.19
N VAL A 35 -3.25 -4.51 -10.63
CA VAL A 35 -3.17 -5.84 -10.03
C VAL A 35 -2.35 -6.73 -10.95
N THR A 36 -1.53 -7.62 -10.38
CA THR A 36 -0.49 -8.33 -11.12
C THR A 36 -0.64 -9.83 -10.90
N CYS A 37 -0.89 -10.56 -11.98
CA CYS A 37 -1.02 -12.01 -11.95
C CYS A 37 0.26 -12.62 -12.50
N VAL A 38 0.93 -13.43 -11.69
CA VAL A 38 2.22 -13.98 -12.03
C VAL A 38 2.09 -15.49 -12.04
N VAL A 39 2.50 -16.11 -13.14
CA VAL A 39 2.53 -17.56 -13.26
C VAL A 39 3.99 -17.98 -13.29
N VAL A 40 4.32 -18.98 -12.48
CA VAL A 40 5.66 -19.56 -12.45
C VAL A 40 5.51 -21.07 -12.54
N ASP A 41 6.64 -21.73 -12.80
CA ASP A 41 6.70 -23.19 -12.94
C ASP A 41 5.97 -23.64 -14.21
N VAL A 42 6.16 -22.93 -15.31
CA VAL A 42 5.59 -23.33 -16.59
C VAL A 42 6.62 -24.16 -17.33
N SER A 43 6.24 -25.39 -17.69
CA SER A 43 7.14 -26.34 -18.35
C SER A 43 7.20 -26.08 -19.85
N HIS A 44 8.39 -26.34 -20.42
CA HIS A 44 8.54 -26.21 -21.87
C HIS A 44 7.62 -27.15 -22.60
N GLU A 45 7.26 -28.27 -21.97
CA GLU A 45 6.42 -29.27 -22.63
C GLU A 45 5.05 -28.68 -22.94
N ASP A 46 4.40 -28.03 -21.98
CA ASP A 46 3.15 -27.36 -22.37
C ASP A 46 3.32 -25.91 -21.96
N PRO A 47 3.96 -25.11 -22.80
CA PRO A 47 4.35 -23.76 -22.42
C PRO A 47 3.30 -22.69 -22.67
N GLU A 48 2.11 -23.06 -23.12
CA GLU A 48 1.09 -22.09 -23.49
C GLU A 48 0.32 -21.66 -22.24
N VAL A 49 -0.01 -20.36 -22.17
CA VAL A 49 -0.64 -19.81 -20.97
C VAL A 49 -1.66 -18.76 -21.37
N LYS A 50 -2.91 -18.95 -20.96
CA LYS A 50 -4.01 -18.05 -21.28
C LYS A 50 -4.50 -17.38 -20.00
N PHE A 51 -4.68 -16.06 -20.05
CA PHE A 51 -5.19 -15.30 -18.92
C PHE A 51 -6.63 -14.90 -19.20
N ASN A 52 -7.50 -15.07 -18.21
CA ASN A 52 -8.83 -14.51 -18.22
C ASN A 52 -8.99 -13.66 -16.96
N TRP A 53 -9.45 -12.43 -17.12
CA TRP A 53 -9.64 -11.48 -16.03
C TRP A 53 -11.11 -11.17 -15.86
N TYR A 54 -11.60 -11.21 -14.62
CA TYR A 54 -12.96 -10.82 -14.31
C TYR A 54 -12.97 -9.80 -13.17
N VAL A 55 -13.84 -8.82 -13.29
CA VAL A 55 -14.15 -7.86 -12.25
C VAL A 55 -15.57 -8.17 -11.79
N ASP A 56 -15.74 -8.60 -10.54
CA ASP A 56 -17.04 -8.98 -10.00
C ASP A 56 -17.75 -10.01 -10.90
N GLY A 57 -16.98 -11.01 -11.34
CA GLY A 57 -17.53 -12.07 -12.17
C GLY A 57 -17.72 -11.73 -13.64
N VAL A 58 -17.39 -10.53 -14.07
CA VAL A 58 -17.58 -10.11 -15.45
C VAL A 58 -16.23 -10.07 -16.13
N GLU A 59 -16.11 -10.79 -17.25
CA GLU A 59 -14.84 -10.80 -17.95
C GLU A 59 -14.56 -9.41 -18.47
N VAL A 60 -13.30 -9.01 -18.39
CA VAL A 60 -12.80 -7.74 -18.87
C VAL A 60 -11.62 -8.05 -19.77
N HIS A 61 -11.27 -7.09 -20.61
CA HIS A 61 -10.40 -7.43 -21.74
C HIS A 61 -9.19 -6.52 -21.88
N ASN A 62 -8.96 -5.61 -20.95
CA ASN A 62 -7.91 -4.61 -21.12
C ASN A 62 -6.60 -5.00 -20.45
N ALA A 63 -6.44 -6.25 -20.01
CA ALA A 63 -5.19 -6.60 -19.36
C ALA A 63 -4.04 -6.55 -20.36
N LYS A 64 -2.86 -6.21 -19.86
CA LYS A 64 -1.65 -6.12 -20.66
C LYS A 64 -0.74 -7.27 -20.29
N THR A 65 -0.76 -8.34 -21.08
CA THR A 65 0.09 -9.47 -20.76
C THR A 65 1.46 -9.27 -21.39
N LYS A 66 2.50 -9.66 -20.64
CA LYS A 66 3.89 -9.56 -21.09
C LYS A 66 4.28 -10.87 -21.77
N PRO A 67 5.12 -10.83 -22.81
CA PRO A 67 5.57 -12.09 -23.41
C PRO A 67 6.43 -12.88 -22.43
N ARG A 68 6.28 -14.21 -22.48
CA ARG A 68 6.89 -15.09 -21.49
C ARG A 68 8.41 -14.93 -21.47
N GLU A 69 8.99 -15.34 -20.35
CA GLU A 69 10.39 -15.11 -20.02
C GLU A 69 10.91 -16.35 -19.32
N GLU A 70 11.99 -16.94 -19.85
CA GLU A 70 12.53 -18.17 -19.28
C GLU A 70 13.40 -17.87 -18.06
N GLN A 71 13.31 -18.72 -17.04
CA GLN A 71 14.06 -18.53 -15.82
C GLN A 71 15.33 -19.39 -15.83
N TYR A 72 16.26 -19.06 -14.91
CA TYR A 72 17.50 -19.83 -14.81
C TYR A 72 17.30 -21.22 -14.27
N ASN A 73 16.08 -21.62 -13.91
CA ASN A 73 15.80 -22.98 -13.48
C ASN A 73 15.00 -23.75 -14.52
N SER A 74 15.00 -23.27 -15.77
CA SER A 74 14.42 -23.97 -16.90
C SER A 74 12.89 -24.01 -16.81
N THR A 75 12.29 -22.98 -16.21
CA THR A 75 10.85 -22.79 -16.22
C THR A 75 10.55 -21.45 -16.89
N TYR A 76 9.31 -21.31 -17.37
CA TYR A 76 8.85 -20.05 -17.93
C TYR A 76 8.08 -19.27 -16.88
N ARG A 77 8.21 -17.94 -16.94
CA ARG A 77 7.48 -17.03 -16.07
C ARG A 77 6.68 -16.10 -16.96
N VAL A 78 5.37 -16.01 -16.68
CA VAL A 78 4.46 -15.20 -17.49
C VAL A 78 3.71 -14.27 -16.55
N VAL A 79 3.58 -13.02 -16.97
CA VAL A 79 3.01 -11.95 -16.14
C VAL A 79 1.90 -11.27 -16.91
N SER A 80 0.81 -10.97 -16.22
CA SER A 80 -0.30 -10.20 -16.78
C SER A 80 -0.69 -9.10 -15.80
N VAL A 81 -0.92 -7.91 -16.32
CA VAL A 81 -1.15 -6.72 -15.52
C VAL A 81 -2.48 -6.10 -15.93
N LEU A 82 -3.40 -6.01 -14.97
CA LEU A 82 -4.68 -5.34 -15.16
C LEU A 82 -4.70 -4.04 -14.39
N THR A 83 -4.95 -2.94 -15.07
CA THR A 83 -5.12 -1.66 -14.40
C THR A 83 -6.52 -1.62 -13.80
N VAL A 84 -6.63 -1.06 -12.59
CA VAL A 84 -7.92 -0.99 -11.93
C VAL A 84 -8.25 0.49 -11.69
N LEU A 85 -9.52 0.80 -11.67
CA LEU A 85 -9.96 2.16 -11.46
C LEU A 85 -9.92 2.48 -9.97
N HIS A 86 -9.38 3.65 -9.62
CA HIS A 86 -9.34 4.13 -8.24
C HIS A 86 -10.65 3.84 -7.50
N GLN A 87 -11.79 4.16 -8.08
CA GLN A 87 -13.04 4.00 -7.35
C GLN A 87 -13.47 2.55 -7.27
N ASP A 88 -13.19 1.74 -8.31
CA ASP A 88 -13.54 0.33 -8.25
C ASP A 88 -12.81 -0.38 -7.13
N TRP A 89 -11.50 -0.13 -7.02
CA TRP A 89 -10.73 -0.77 -5.98
C TRP A 89 -11.24 -0.36 -4.60
N LEU A 90 -11.46 0.93 -4.40
CA LEU A 90 -11.93 1.39 -3.10
C LEU A 90 -13.35 0.91 -2.81
N ASN A 91 -14.15 0.64 -3.85
CA ASN A 91 -15.52 0.18 -3.66
C ASN A 91 -15.61 -1.33 -3.50
N GLY A 92 -14.47 -2.00 -3.30
CA GLY A 92 -14.49 -3.41 -3.00
C GLY A 92 -14.65 -4.36 -4.16
N LYS A 93 -14.54 -3.90 -5.40
CA LYS A 93 -14.69 -4.83 -6.52
C LYS A 93 -13.64 -5.92 -6.41
N GLU A 94 -13.98 -7.13 -6.82
CA GLU A 94 -12.99 -8.19 -6.67
C GLU A 94 -12.52 -8.67 -8.05
N TYR A 95 -11.23 -8.94 -8.11
CA TYR A 95 -10.48 -9.11 -9.35
C TYR A 95 -10.02 -10.56 -9.46
N LYS A 96 -10.52 -11.26 -10.47
CA LYS A 96 -10.19 -12.66 -10.66
C LYS A 96 -9.25 -12.84 -11.85
N CYS A 97 -8.14 -13.53 -11.61
CA CYS A 97 -7.22 -14.00 -12.62
C CYS A 97 -7.45 -15.50 -12.81
N LYS A 98 -7.71 -15.90 -14.05
CA LYS A 98 -7.91 -17.31 -14.36
C LYS A 98 -6.76 -17.72 -15.26
N VAL A 99 -5.99 -18.74 -14.86
CA VAL A 99 -4.84 -19.16 -15.63
C VAL A 99 -5.11 -20.56 -16.19
N SER A 100 -5.07 -20.68 -17.51
CA SER A 100 -5.24 -21.96 -18.19
C SER A 100 -3.93 -22.37 -18.86
N ASN A 101 -3.63 -23.67 -18.78
CA ASN A 101 -2.43 -24.26 -19.36
C ASN A 101 -2.65 -25.76 -19.48
N LYS A 102 -2.10 -26.35 -20.56
CA LYS A 102 -2.36 -27.75 -20.85
C LYS A 102 -2.01 -28.66 -19.68
N ALA A 103 -0.97 -28.34 -18.90
CA ALA A 103 -0.48 -29.21 -17.83
C ALA A 103 -1.38 -29.24 -16.60
N LEU A 104 -2.47 -28.48 -16.57
CA LEU A 104 -3.29 -28.47 -15.38
C LEU A 104 -4.57 -29.28 -15.60
N PRO A 105 -5.06 -29.99 -14.58
CA PRO A 105 -6.33 -30.70 -14.75
C PRO A 105 -7.52 -29.77 -14.91
N ALA A 106 -7.55 -28.64 -14.23
CA ALA A 106 -8.54 -27.59 -14.38
C ALA A 106 -7.86 -26.24 -14.23
N PRO A 107 -8.41 -25.18 -14.82
CA PRO A 107 -7.73 -23.88 -14.75
C PRO A 107 -7.64 -23.36 -13.33
N ILE A 108 -6.63 -22.52 -13.07
CA ILE A 108 -6.35 -22.00 -11.73
C ILE A 108 -7.01 -20.63 -11.58
N GLU A 109 -7.78 -20.47 -10.49
CA GLU A 109 -8.53 -19.24 -10.21
C GLU A 109 -7.98 -18.59 -8.94
N LYS A 110 -7.52 -17.34 -9.05
CA LYS A 110 -7.11 -16.52 -7.92
C LYS A 110 -7.95 -15.25 -7.87
N THR A 111 -8.42 -14.86 -6.69
CA THR A 111 -9.22 -13.65 -6.54
C THR A 111 -8.57 -12.71 -5.52
N ILE A 112 -8.68 -11.40 -5.76
CA ILE A 112 -8.13 -10.43 -4.82
C ILE A 112 -9.02 -9.20 -4.83
N SER A 113 -9.02 -8.48 -3.70
CA SER A 113 -9.67 -7.19 -3.55
C SER A 113 -9.00 -6.41 -2.41
N LYS A 114 -9.36 -5.14 -2.30
CA LYS A 114 -8.98 -4.38 -1.13
C LYS A 114 -9.37 -5.13 0.16
N ALA A 115 -8.53 -4.98 1.19
CA ALA A 115 -8.88 -5.41 2.54
C ALA A 115 -10.33 -5.06 2.85
N LYS A 116 -11.08 -6.04 3.34
CA LYS A 116 -12.50 -5.91 3.66
C LYS A 116 -12.69 -5.53 5.12
N GLY A 117 -13.85 -4.94 5.42
CA GLY A 117 -14.17 -4.51 6.77
C GLY A 117 -14.71 -3.10 6.75
N GLN A 118 -15.52 -2.77 7.73
CA GLN A 118 -16.06 -1.42 7.79
C GLN A 118 -14.89 -0.44 7.94
N PRO A 119 -14.80 0.58 7.11
CA PRO A 119 -13.71 1.57 7.24
C PRO A 119 -13.89 2.46 8.45
N ARG A 120 -12.74 2.84 9.04
CA ARG A 120 -12.69 3.70 10.23
C ARG A 120 -11.64 4.78 9.99
N GLU A 121 -12.03 6.04 10.13
CA GLU A 121 -11.14 7.15 9.83
C GLU A 121 -10.07 7.33 10.92
N PRO A 122 -8.82 7.56 10.56
CA PRO A 122 -7.78 7.72 11.60
C PRO A 122 -7.92 9.03 12.35
N GLN A 123 -7.56 9.01 13.62
CA GLN A 123 -7.32 10.22 14.39
C GLN A 123 -5.82 10.49 14.40
N VAL A 124 -5.40 11.66 13.97
CA VAL A 124 -3.98 12.01 13.81
C VAL A 124 -3.59 13.05 14.86
N TYR A 125 -2.54 12.74 15.64
CA TYR A 125 -2.12 13.60 16.74
C TYR A 125 -0.60 13.76 16.71
N THR A 126 -0.13 15.00 16.81
CA THR A 126 1.30 15.27 16.90
C THR A 126 1.67 15.46 18.36
N LEU A 127 2.83 14.94 18.75
CA LEU A 127 3.33 15.05 20.11
C LEU A 127 4.71 15.67 20.05
N PRO A 128 4.99 16.73 20.82
CA PRO A 128 6.30 17.37 20.80
C PRO A 128 7.33 16.51 21.52
N PRO A 129 8.63 16.82 21.38
CA PRO A 129 9.66 16.07 22.11
C PRO A 129 9.39 16.03 23.61
N SER A 130 9.77 14.91 24.22
CA SER A 130 9.67 14.81 25.68
C SER A 130 10.63 15.81 26.32
N ARG A 131 10.26 16.29 27.52
CA ARG A 131 11.13 17.23 28.23
C ARG A 131 12.53 16.65 28.40
N GLU A 132 12.60 15.45 28.99
CA GLU A 132 13.87 14.77 29.19
C GLU A 132 14.69 14.65 27.92
N GLU A 133 14.07 14.68 26.74
CA GLU A 133 14.84 14.60 25.51
C GLU A 133 15.42 15.94 25.07
N MET A 134 15.08 17.02 25.77
CA MET A 134 15.62 18.34 25.40
C MET A 134 17.10 18.51 25.71
N THR A 135 17.77 17.48 26.22
CA THR A 135 19.20 17.53 26.48
C THR A 135 20.02 17.16 25.25
N LYS A 136 19.39 16.50 24.29
CA LYS A 136 20.03 15.91 23.13
C LYS A 136 20.26 16.94 22.02
N ASN A 137 21.18 16.61 21.11
CA ASN A 137 21.41 17.45 19.94
C ASN A 137 20.39 17.19 18.83
N GLN A 138 19.63 16.11 18.92
CA GLN A 138 18.53 15.80 18.01
C GLN A 138 17.31 15.48 18.88
N VAL A 139 16.11 15.73 18.35
CA VAL A 139 14.89 15.47 19.11
C VAL A 139 13.88 14.76 18.20
N SER A 140 12.91 14.14 18.86
CA SER A 140 11.93 13.26 18.22
C SER A 140 10.57 13.94 18.18
N LEU A 141 10.05 14.16 16.96
CA LEU A 141 8.68 14.59 16.77
C LEU A 141 7.81 13.38 16.46
N THR A 142 6.68 13.25 17.15
CA THR A 142 5.89 12.02 17.10
C THR A 142 4.53 12.27 16.47
N CYS A 143 4.18 11.46 15.49
CA CYS A 143 2.84 11.43 14.92
C CYS A 143 2.11 10.16 15.35
N LEU A 144 1.07 10.31 16.18
CA LEU A 144 0.21 9.19 16.52
C LEU A 144 -0.96 9.12 15.55
N VAL A 145 -1.13 7.98 14.89
CA VAL A 145 -2.27 7.75 14.01
C VAL A 145 -3.03 6.56 14.59
N LYS A 146 -4.28 6.77 14.99
CA LYS A 146 -4.97 5.70 15.67
C LYS A 146 -6.40 5.60 15.19
N GLY A 147 -7.01 4.45 15.46
CA GLY A 147 -8.41 4.25 15.17
C GLY A 147 -8.75 3.95 13.71
N PHE A 148 -7.77 3.57 12.88
CA PHE A 148 -8.06 3.42 11.46
C PHE A 148 -8.27 1.96 11.06
N TYR A 149 -9.09 1.78 10.03
CA TYR A 149 -9.43 0.52 9.48
C TYR A 149 -9.78 0.78 8.01
N PRO A 150 -9.21 0.01 7.07
CA PRO A 150 -8.25 -1.08 7.25
C PRO A 150 -6.81 -0.58 7.47
N SER A 151 -5.84 -1.49 7.47
CA SER A 151 -4.48 -1.16 7.88
C SER A 151 -3.64 -0.48 6.79
N ASP A 152 -4.06 -0.50 5.54
CA ASP A 152 -3.32 0.16 4.48
C ASP A 152 -3.26 1.67 4.75
N ILE A 153 -2.04 2.21 4.76
CA ILE A 153 -1.85 3.60 5.16
C ILE A 153 -0.48 4.05 4.69
N ALA A 154 -0.30 5.37 4.57
CA ALA A 154 1.01 5.94 4.27
C ALA A 154 1.18 7.22 5.07
N VAL A 155 2.39 7.46 5.55
CA VAL A 155 2.70 8.58 6.42
C VAL A 155 4.01 9.21 5.96
N GLU A 156 4.03 10.54 5.82
CA GLU A 156 5.21 11.32 5.47
C GLU A 156 5.28 12.54 6.38
N TRP A 157 6.42 13.21 6.32
CA TRP A 157 6.65 14.43 7.08
C TRP A 157 7.16 15.51 6.15
N GLU A 158 6.77 16.75 6.41
CA GLU A 158 7.14 17.89 5.59
C GLU A 158 7.49 19.07 6.48
N SER A 159 8.30 19.97 5.93
CA SER A 159 8.45 21.31 6.52
C SER A 159 8.53 22.31 5.39
N ASN A 160 7.66 23.35 5.46
CA ASN A 160 7.35 24.32 4.41
C ASN A 160 7.88 23.96 3.02
N GLY A 161 7.15 23.08 2.34
CA GLY A 161 7.42 22.76 0.96
C GLY A 161 8.11 21.43 0.76
N GLN A 162 9.24 21.24 1.46
CA GLN A 162 10.08 20.10 1.13
C GLN A 162 9.79 18.91 2.06
N PRO A 163 10.00 17.69 1.58
CA PRO A 163 9.80 16.53 2.45
C PRO A 163 10.92 16.44 3.48
N GLU A 164 10.55 16.05 4.69
CA GLU A 164 11.48 15.73 5.78
C GLU A 164 11.64 14.21 5.80
N ASN A 165 12.80 13.70 5.39
CA ASN A 165 12.89 12.27 5.13
C ASN A 165 13.67 11.48 6.20
N ASN A 166 14.19 12.13 7.25
CA ASN A 166 14.82 11.45 8.38
C ASN A 166 13.77 11.00 9.40
N TYR A 167 12.86 10.14 8.96
CA TYR A 167 11.77 9.68 9.79
C TYR A 167 11.64 8.17 9.62
N LYS A 168 10.92 7.55 10.55
CA LYS A 168 10.65 6.13 10.50
C LYS A 168 9.26 5.91 11.04
N THR A 169 8.54 4.94 10.48
CA THR A 169 7.16 4.74 10.88
C THR A 169 6.97 3.28 11.27
N THR A 170 6.29 3.05 12.39
CA THR A 170 6.07 1.68 12.80
C THR A 170 5.07 1.03 11.85
N PRO A 171 5.11 -0.29 11.70
CA PRO A 171 4.01 -0.97 11.02
C PRO A 171 2.72 -0.70 11.76
N PRO A 172 1.55 -0.89 11.12
CA PRO A 172 0.28 -0.77 11.86
C PRO A 172 0.18 -1.84 12.95
N VAL A 173 -0.38 -1.47 14.10
CA VAL A 173 -0.58 -2.44 15.20
C VAL A 173 -2.07 -2.61 15.48
N LEU A 174 -2.50 -3.86 15.57
CA LEU A 174 -3.90 -4.13 15.87
C LEU A 174 -4.21 -3.70 17.31
N ASP A 175 -5.13 -2.75 17.47
CA ASP A 175 -5.49 -2.24 18.78
C ASP A 175 -6.62 -3.10 19.39
N SER A 176 -6.94 -2.83 20.65
CA SER A 176 -7.82 -3.76 21.35
C SER A 176 -9.28 -3.63 20.91
N ASP A 177 -9.64 -2.62 20.12
CA ASP A 177 -10.98 -2.46 19.59
C ASP A 177 -11.11 -2.90 18.14
N GLY A 178 -10.12 -3.59 17.61
CA GLY A 178 -10.15 -4.02 16.24
C GLY A 178 -9.73 -2.99 15.21
N SER A 179 -9.53 -1.75 15.60
CA SER A 179 -8.88 -0.77 14.73
C SER A 179 -7.35 -0.90 14.85
N PHE A 180 -6.64 -0.16 13.99
CA PHE A 180 -5.18 -0.15 14.00
C PHE A 180 -4.66 1.20 14.47
N PHE A 181 -3.42 1.19 15.00
CA PHE A 181 -2.67 2.43 15.21
C PHE A 181 -1.23 2.26 14.75
N LEU A 182 -0.56 3.39 14.54
CA LEU A 182 0.89 3.40 14.41
C LEU A 182 1.44 4.71 14.95
N TYR A 183 2.76 4.78 14.97
CA TYR A 183 3.48 6.01 15.30
C TYR A 183 4.51 6.29 14.21
N SER A 184 4.73 7.58 13.90
CA SER A 184 5.82 7.98 13.03
C SER A 184 6.72 8.93 13.83
N LYS A 185 8.03 8.69 13.77
CA LYS A 185 9.02 9.47 14.53
C LYS A 185 9.89 10.23 13.54
N LEU A 186 9.83 11.56 13.59
CA LEU A 186 10.68 12.44 12.80
C LEU A 186 11.78 12.97 13.71
N THR A 187 13.03 12.78 13.30
CA THR A 187 14.19 13.28 14.03
C THR A 187 14.74 14.52 13.36
N VAL A 188 14.85 15.63 14.10
CA VAL A 188 15.40 16.88 13.59
C VAL A 188 16.39 17.44 14.59
N ASP A 189 17.40 18.17 14.07
CA ASP A 189 18.29 18.97 14.92
C ASP A 189 17.49 19.78 15.93
N LYS A 190 17.90 19.70 17.20
CA LYS A 190 17.24 20.49 18.23
C LYS A 190 17.18 21.97 17.84
N SER A 191 18.13 22.45 17.05
CA SER A 191 18.10 23.86 16.66
C SER A 191 16.86 24.17 15.83
N ARG A 192 16.57 23.32 14.82
CA ARG A 192 15.43 23.56 13.94
C ARG A 192 14.12 23.60 14.71
N TRP A 193 13.98 22.71 15.71
CA TRP A 193 12.77 22.71 16.54
C TRP A 193 12.66 23.98 17.38
N GLN A 194 13.79 24.53 17.81
CA GLN A 194 13.73 25.72 18.66
C GLN A 194 13.63 26.99 17.84
N GLN A 195 14.13 26.98 16.60
CA GLN A 195 13.94 28.07 15.66
C GLN A 195 12.48 28.26 15.27
N GLY A 196 11.57 27.52 15.92
CA GLY A 196 10.15 27.68 15.69
C GLY A 196 9.59 27.07 14.42
N ASN A 197 10.41 26.35 13.64
CA ASN A 197 9.94 25.81 12.36
C ASN A 197 8.69 24.94 12.52
N VAL A 198 7.85 24.94 11.48
CA VAL A 198 6.63 24.15 11.48
C VAL A 198 6.92 22.81 10.80
N PHE A 199 6.54 21.72 11.47
CA PHE A 199 6.68 20.38 10.92
C PHE A 199 5.29 19.78 10.82
N SER A 200 5.07 19.03 9.73
CA SER A 200 3.75 18.52 9.39
C SER A 200 3.81 17.02 9.15
N CYS A 201 2.94 16.28 9.83
CA CYS A 201 2.75 14.86 9.58
C CYS A 201 1.58 14.68 8.60
N SER A 202 1.81 14.07 7.45
CA SER A 202 0.70 13.90 6.52
C SER A 202 0.44 12.43 6.28
N VAL A 203 -0.85 12.10 6.23
CA VAL A 203 -1.38 10.75 6.36
C VAL A 203 -2.33 10.53 5.21
N MET A 204 -2.14 9.43 4.48
CA MET A 204 -3.06 9.01 3.45
C MET A 204 -3.74 7.71 3.89
N HIS A 205 -5.06 7.70 3.85
CA HIS A 205 -5.85 6.56 4.26
C HIS A 205 -7.22 6.69 3.60
N GLU A 206 -7.80 5.55 3.25
CA GLU A 206 -8.99 5.55 2.43
C GLU A 206 -10.15 6.27 3.11
N ALA A 207 -10.25 6.18 4.43
CA ALA A 207 -11.42 6.71 5.12
C ALA A 207 -11.32 8.21 5.44
N LEU A 208 -10.23 8.89 5.10
CA LEU A 208 -10.17 10.35 5.22
C LEU A 208 -10.81 11.01 4.01
N HIS A 209 -11.34 12.22 4.21
CA HIS A 209 -11.81 13.02 3.08
C HIS A 209 -10.71 13.16 2.04
N ASN A 210 -11.00 12.77 0.80
CA ASN A 210 -10.00 12.76 -0.26
C ASN A 210 -8.81 11.90 0.09
N HIS A 211 -8.97 11.03 1.10
CA HIS A 211 -7.97 10.06 1.54
C HIS A 211 -6.71 10.70 2.10
N TYR A 212 -6.82 11.90 2.67
CA TYR A 212 -5.63 12.67 3.01
C TYR A 212 -5.92 13.54 4.21
N THR A 213 -4.96 13.68 5.10
CA THR A 213 -5.02 14.76 6.07
C THR A 213 -3.60 15.09 6.46
N GLN A 214 -3.41 16.27 7.06
CA GLN A 214 -2.11 16.58 7.65
C GLN A 214 -2.34 17.35 8.94
N LYS A 215 -1.41 17.17 9.86
CA LYS A 215 -1.43 17.81 11.16
C LYS A 215 -0.05 18.39 11.39
N SER A 216 -0.01 19.54 12.06
CA SER A 216 1.24 20.28 12.14
C SER A 216 1.71 20.35 13.59
N LEU A 217 3.01 20.54 13.73
CA LEU A 217 3.64 20.56 15.05
C LEU A 217 4.69 21.67 15.08
N SER A 218 4.64 22.48 16.13
CA SER A 218 5.63 23.59 16.31
C SER A 218 5.82 23.90 17.80
N LEU A 219 6.98 24.45 18.17
CA LEU A 219 7.23 24.87 19.58
C LEU A 219 6.22 25.96 19.96
N SER A 220 5.60 25.83 21.14
CA SER A 220 4.57 26.81 21.58
C SER A 220 5.10 27.69 22.72
N PRO A 221 5.78 28.83 22.47
CA PRO A 221 6.37 29.67 23.50
C PRO A 221 5.73 31.06 23.50
C1 NAG B . 12.11 -21.03 -10.80
C2 NAG B . 11.37 -21.45 -9.53
C3 NAG B . 10.16 -20.55 -9.30
C4 NAG B . 10.60 -19.10 -9.22
C5 NAG B . 11.29 -18.74 -10.52
C6 NAG B . 11.77 -17.30 -10.57
C7 NAG B . 11.79 -23.84 -9.29
C8 NAG B . 11.19 -25.21 -9.34
N2 NAG B . 10.96 -22.84 -9.58
O3 NAG B . 9.53 -20.99 -8.10
O4 NAG B . 9.46 -18.26 -9.08
O5 NAG B . 12.44 -19.59 -10.73
O6 NAG B . 13.13 -17.17 -10.96
O7 NAG B . 12.96 -23.65 -9.01
C1 NAG B . 9.16 -18.02 -7.70
C2 NAG B . 8.53 -16.65 -7.61
C3 NAG B . 8.13 -16.34 -6.17
C4 NAG B . 7.24 -17.45 -5.61
C5 NAG B . 7.89 -18.82 -5.84
C6 NAG B . 6.97 -19.97 -5.49
C7 NAG B . 9.15 -14.77 -9.06
C8 NAG B . 10.23 -13.80 -9.44
N2 NAG B . 9.45 -15.63 -8.09
O3 NAG B . 7.45 -15.09 -6.15
O4 NAG B . 7.14 -17.31 -4.20
O5 NAG B . 8.24 -18.98 -7.22
O6 NAG B . 7.73 -21.17 -5.39
O7 NAG B . 8.05 -14.76 -9.61
C1 BMA B . 6.03 -16.48 -3.81
C2 BMA B . 5.52 -17.04 -2.47
C3 BMA B . 4.48 -16.11 -1.88
C4 BMA B . 5.00 -14.71 -1.77
C5 BMA B . 5.55 -14.23 -3.13
C6 BMA B . 6.27 -12.95 -3.00
O2 BMA B . 6.55 -17.02 -1.55
O3 BMA B . 4.11 -16.54 -0.59
O4 BMA B . 3.94 -13.85 -1.39
O5 BMA B . 6.51 -15.15 -3.66
O6 BMA B . 6.70 -12.64 -4.28
C1 MAN B . 7.05 -11.26 -4.31
C2 MAN B . 7.26 -10.92 -5.76
C3 MAN B . 8.45 -11.70 -6.36
C4 MAN B . 9.73 -11.56 -5.49
C5 MAN B . 9.44 -11.79 -4.00
C6 MAN B . 10.64 -11.30 -3.16
O2 MAN B . 7.64 -9.59 -5.88
O3 MAN B . 8.74 -11.24 -7.68
O4 MAN B . 10.72 -12.49 -5.90
O5 MAN B . 8.24 -11.04 -3.58
O6 MAN B . 10.31 -11.42 -1.76
C1 NAG B . 6.42 -8.85 -5.89
C2 NAG B . 6.80 -7.44 -5.55
C3 NAG B . 5.55 -6.56 -5.55
C4 NAG B . 4.89 -6.64 -6.93
C5 NAG B . 4.65 -8.11 -7.34
C6 NAG B . 4.27 -8.25 -8.80
C7 NAG B . 8.79 -7.28 -4.11
C8 NAG B . 9.30 -7.24 -2.71
N2 NAG B . 7.46 -7.39 -4.26
O3 NAG B . 5.90 -5.23 -5.22
O4 NAG B . 3.65 -5.94 -6.92
O5 NAG B . 5.85 -8.89 -7.18
O6 NAG B . 5.31 -7.72 -9.62
O7 NAG B . 9.55 -7.19 -5.09
C1 GAL B . 3.60 -5.00 -8.02
C2 GAL B . 2.18 -4.22 -8.17
C3 GAL B . 2.22 -3.16 -9.28
C4 GAL B . 3.48 -2.31 -9.14
C5 GAL B . 4.75 -3.19 -9.07
C6 GAL B . 6.07 -2.38 -8.90
O2 GAL B . 1.01 -5.08 -8.44
O3 GAL B . 1.12 -2.25 -9.11
O4 GAL B . 3.34 -1.68 -7.90
O5 GAL B . 4.65 -4.03 -7.88
O6 GAL B . 7.17 -3.26 -8.65
C1 MAN B . 3.02 -17.47 -0.73
C2 MAN B . 1.95 -17.11 0.32
C3 MAN B . 2.09 -17.96 1.67
C4 MAN B . 3.47 -18.62 1.90
C5 MAN B . 4.13 -19.22 0.61
C6 MAN B . 4.10 -20.73 0.60
O2 MAN B . 0.72 -17.43 -0.29
O3 MAN B . 1.06 -18.93 1.86
O4 MAN B . 4.36 -17.68 2.50
O5 MAN B . 3.43 -18.84 -0.58
O6 MAN B . 3.74 -21.13 -0.73
C1 NAG B . -0.15 -16.40 -0.60
C2 NAG B . -1.26 -17.22 -1.25
C3 NAG B . -2.21 -17.83 -0.19
C4 NAG B . -2.75 -16.79 0.79
C5 NAG B . -1.93 -15.51 0.74
C6 NAG B . -2.00 -14.72 2.04
C7 NAG B . -1.53 -15.74 -3.28
C8 NAG B . -2.51 -15.32 -4.36
N2 NAG B . -2.00 -16.62 -2.37
O3 NAG B . -1.53 -18.88 0.48
O4 NAG B . -4.08 -16.44 0.45
O5 NAG B . -0.56 -15.87 0.57
O6 NAG B . -1.16 -15.25 3.04
O7 NAG B . -0.38 -15.29 -3.25
C1 FUC B . 13.81 -16.96 -9.70
C2 FUC B . 15.20 -17.67 -9.63
C3 FUC B . 15.43 -17.83 -8.16
C4 FUC B . 15.26 -16.44 -7.39
C5 FUC B . 14.25 -15.38 -8.05
C6 FUC B . 12.85 -15.39 -7.41
O2 FUC B . 16.29 -16.92 -10.18
O3 FUC B . 14.43 -18.74 -7.65
O4 FUC B . 14.86 -16.69 -6.04
O5 FUC B . 14.02 -15.58 -9.43
ZN ZN C . -10.98 8.59 -3.98
ZN ZN D . -14.41 -13.48 -4.02
ZN ZN E . -9.77 -10.91 -23.86
ZN ZN F . -13.58 12.58 8.25
ZN ZN G . -11.42 -3.84 -4.17
ZN ZN H . -8.11 2.88 -5.55
ZN ZN I . -11.88 -1.66 -11.48
ZN ZN J . -14.90 -11.16 -23.54
ZN ZN K . -14.86 17.11 -0.63
ZN ZN L . 4.25 13.03 -1.23
#